data_7NIX
#
_entry.id   7NIX
#
_cell.length_a   121.219
_cell.length_b   121.219
_cell.length_c   74.464
_cell.angle_alpha   90.000
_cell.angle_beta   90.000
_cell.angle_gamma   120.000
#
_symmetry.space_group_name_H-M   'P 61 2 2'
#
loop_
_entity.id
_entity.type
_entity.pdbx_description
1 polymer '14-3-3 protein sigma'
2 polymer 'TBC1 domain family member 4'
3 non-polymer '2-[N-CYCLOHEXYLAMINO]ETHANE SULFONIC ACID'
4 non-polymer 'MAGNESIUM ION'
5 water water
#
loop_
_entity_poly.entity_id
_entity_poly.type
_entity_poly.pdbx_seq_one_letter_code
_entity_poly.pdbx_strand_id
1 'polypeptide(L)'
;GAMGSMERASLIQKAKLAEQAERYEDMAAFMKGAVEKGEELSCEERNLLSVAYKNVVGGQRAAWRVLSSIEQKSNEEGSE
EKGPEVREYREKVETELQGVCDTVLGLLDSHLIKEAGDAESRVFYLKMKGDYYRYLAEVATGDDKKRIIDSARSAYQEAM
DISKKEMPPTNPIRLGLALNFSVFHYEIANSPEEAISLAKTTFDEAMADLHTLSEDSYKDSTLIMQLLRDNLTLWTADNA
GEEGGEAPQEPQS
;
A
2 'polypeptide(L)' RRRAH(TPO)FSHPP B
#
# COMPACT_ATOMS: atom_id res chain seq x y z
N ALA A 2 -15.97 28.10 8.26
CA ALA A 2 -17.15 27.85 7.38
C ALA A 2 -16.71 27.75 5.94
N MET A 3 -16.13 28.84 5.42
CA MET A 3 -15.53 28.80 4.10
C MET A 3 -14.47 27.70 4.00
N GLY A 4 -13.84 27.37 5.13
CA GLY A 4 -12.86 26.30 5.16
C GLY A 4 -13.50 24.93 5.18
N SER A 5 -14.55 24.79 5.98
CA SER A 5 -15.23 23.50 6.09
C SER A 5 -16.05 23.22 4.84
N MET A 6 -16.72 24.25 4.29
CA MET A 6 -17.42 24.07 3.02
C MET A 6 -16.43 23.73 1.92
N GLU A 7 -15.23 24.30 1.97
CA GLU A 7 -14.21 23.96 0.98
C GLU A 7 -13.81 22.49 1.11
N ARG A 8 -13.73 21.99 2.35
CA ARG A 8 -13.30 20.60 2.55
C ARG A 8 -14.35 19.64 2.00
N ALA A 9 -15.62 19.88 2.32
CA ALA A 9 -16.68 18.98 1.86
C ALA A 9 -16.80 18.98 0.34
N SER A 10 -16.56 20.13 -0.30
CA SER A 10 -16.63 20.19 -1.76
C SER A 10 -15.48 19.40 -2.39
N LEU A 11 -14.28 19.49 -1.81
CA LEU A 11 -13.16 18.71 -2.32
C LEU A 11 -13.43 17.21 -2.18
N ILE A 12 -14.02 16.79 -1.05
CA ILE A 12 -14.39 15.39 -0.88
C ILE A 12 -15.41 14.97 -1.93
N GLN A 13 -16.40 15.82 -2.20
CA GLN A 13 -17.42 15.45 -3.17
C GLN A 13 -16.83 15.36 -4.58
N LYS A 14 -15.89 16.24 -4.91
CA LYS A 14 -15.27 16.16 -6.23
C LYS A 14 -14.36 14.94 -6.33
N ALA A 15 -13.75 14.51 -5.22
CA ALA A 15 -13.00 13.26 -5.26
C ALA A 15 -13.91 12.09 -5.59
N LYS A 16 -15.10 12.07 -5.01
CA LYS A 16 -16.05 10.99 -5.30
C LYS A 16 -16.49 11.03 -6.76
N LEU A 17 -16.71 12.24 -7.29
CA LEU A 17 -17.07 12.37 -8.70
C LEU A 17 -15.93 11.90 -9.60
N ALA A 18 -14.69 12.28 -9.27
CA ALA A 18 -13.55 11.83 -10.06
C ALA A 18 -13.43 10.32 -10.05
N GLU A 19 -13.69 9.68 -8.91
CA GLU A 19 -13.70 8.23 -8.87
C GLU A 19 -14.65 7.64 -9.90
N GLN A 20 -15.88 8.18 -9.95
CA GLN A 20 -16.87 7.67 -10.89
C GLN A 20 -16.40 7.86 -12.33
N ALA A 21 -15.72 8.97 -12.59
CA ALA A 21 -15.25 9.29 -13.93
C ALA A 21 -13.92 8.63 -14.26
N GLU A 22 -13.36 7.84 -13.34
CA GLU A 22 -12.04 7.24 -13.50
C GLU A 22 -10.98 8.30 -13.78
N ARG A 23 -11.12 9.44 -13.12
CA ARG A 23 -10.15 10.53 -13.19
C ARG A 23 -9.28 10.51 -11.92
N TYR A 24 -8.36 9.53 -11.87
CA TYR A 24 -7.70 9.23 -10.60
C TYR A 24 -6.64 10.26 -10.22
N GLU A 25 -5.98 10.89 -11.19
CA GLU A 25 -5.07 11.97 -10.84
C GLU A 25 -5.83 13.14 -10.23
N ASP A 26 -6.96 13.51 -10.85
CA ASP A 26 -7.84 14.51 -10.26
C ASP A 26 -8.25 14.10 -8.85
N MET A 27 -8.73 12.87 -8.71
CA MET A 27 -9.16 12.36 -7.42
C MET A 27 -8.08 12.49 -6.37
N ALA A 28 -6.84 12.15 -6.72
CA ALA A 28 -5.74 12.28 -5.76
C ALA A 28 -5.50 13.75 -5.39
N ALA A 29 -5.61 14.64 -6.38
CA ALA A 29 -5.43 16.07 -6.11
C ALA A 29 -6.51 16.58 -5.15
N PHE A 30 -7.77 16.21 -5.41
CA PHE A 30 -8.86 16.58 -4.50
C PHE A 30 -8.61 16.06 -3.09
N MET A 31 -8.21 14.79 -2.96
CA MET A 31 -8.05 14.21 -1.62
C MET A 31 -6.86 14.80 -0.90
N LYS A 32 -5.78 15.11 -1.61
CA LYS A 32 -4.67 15.81 -0.99
C LYS A 32 -5.14 17.14 -0.40
N GLY A 33 -5.87 17.92 -1.20
CA GLY A 33 -6.42 19.17 -0.70
C GLY A 33 -7.25 18.97 0.55
N ALA A 34 -8.12 17.97 0.56
CA ALA A 34 -8.97 17.74 1.72
C ALA A 34 -8.15 17.34 2.95
N VAL A 35 -7.04 16.62 2.76
CA VAL A 35 -6.26 16.14 3.89
C VAL A 35 -5.58 17.30 4.60
N GLU A 36 -5.10 18.27 3.82
CA GLU A 36 -4.44 19.45 4.36
C GLU A 36 -5.38 20.35 5.14
N LYS A 37 -6.70 20.19 4.99
CA LYS A 37 -7.63 20.92 5.84
C LYS A 37 -7.55 20.49 7.31
N GLY A 38 -6.78 19.44 7.61
CA GLY A 38 -6.47 19.09 8.98
C GLY A 38 -7.47 18.21 9.70
N GLU A 39 -8.64 18.00 9.12
CA GLU A 39 -9.66 17.15 9.74
C GLU A 39 -9.31 15.68 9.52
N GLU A 40 -9.61 14.85 10.52
CA GLU A 40 -9.48 13.42 10.35
C GLU A 40 -10.36 12.94 9.21
N LEU A 41 -9.85 11.95 8.48
CA LEU A 41 -10.57 11.28 7.40
C LEU A 41 -11.42 10.14 7.95
N SER A 42 -12.65 10.06 7.47
CA SER A 42 -13.50 8.93 7.82
C SER A 42 -13.04 7.65 7.11
N CYS A 43 -13.64 6.53 7.48
CA CYS A 43 -13.31 5.26 6.82
C CYS A 43 -13.49 5.39 5.31
N GLU A 44 -14.63 5.93 4.89
CA GLU A 44 -14.87 6.15 3.48
C GLU A 44 -13.80 7.02 2.84
N GLU A 45 -13.44 8.11 3.51
CA GLU A 45 -12.50 9.06 2.95
C GLU A 45 -11.09 8.50 2.90
N ARG A 46 -10.71 7.69 3.89
CA ARG A 46 -9.44 6.98 3.81
C ARG A 46 -9.38 6.11 2.56
N ASN A 47 -10.48 5.44 2.23
CA ASN A 47 -10.50 4.58 1.05
C ASN A 47 -10.42 5.42 -0.22
N LEU A 48 -11.05 6.59 -0.23
CA LEU A 48 -10.92 7.48 -1.40
C LEU A 48 -9.47 7.88 -1.60
N LEU A 49 -8.78 8.28 -0.53
CA LEU A 49 -7.36 8.61 -0.62
C LEU A 49 -6.55 7.45 -1.18
N SER A 50 -6.80 6.24 -0.64
CA SER A 50 -6.01 5.08 -1.03
C SER A 50 -6.31 4.65 -2.46
N VAL A 51 -7.59 4.63 -2.84
CA VAL A 51 -7.95 4.33 -4.23
C VAL A 51 -7.25 5.29 -5.18
N ALA A 52 -7.33 6.59 -4.91
CA ALA A 52 -6.77 7.59 -5.82
C ALA A 52 -5.29 7.35 -6.05
N TYR A 53 -4.52 7.27 -4.96
CA TYR A 53 -3.08 7.16 -5.11
C TYR A 53 -2.64 5.76 -5.52
N LYS A 54 -3.40 4.74 -5.16
CA LYS A 54 -3.04 3.41 -5.62
C LYS A 54 -3.15 3.32 -7.14
N ASN A 55 -4.19 3.93 -7.72
CA ASN A 55 -4.32 3.93 -9.17
C ASN A 55 -3.20 4.73 -9.83
N VAL A 56 -2.86 5.89 -9.27
CA VAL A 56 -1.83 6.73 -9.87
C VAL A 56 -0.49 6.04 -9.82
N VAL A 57 -0.06 5.63 -8.62
CA VAL A 57 1.23 4.97 -8.50
C VAL A 57 1.20 3.62 -9.19
N GLY A 58 0.05 2.95 -9.21
CA GLY A 58 -0.04 1.66 -9.87
C GLY A 58 0.28 1.74 -11.35
N GLY A 59 -0.21 2.80 -12.01
CA GLY A 59 0.13 2.97 -13.41
C GLY A 59 1.60 3.27 -13.61
N GLN A 60 2.18 4.07 -12.72
CA GLN A 60 3.61 4.35 -12.80
C GLN A 60 4.42 3.08 -12.60
N ARG A 61 4.06 2.28 -11.59
CA ARG A 61 4.80 1.06 -11.32
C ARG A 61 4.74 0.12 -12.52
N ALA A 62 3.54 -0.04 -13.10
CA ALA A 62 3.39 -0.89 -14.28
C ALA A 62 4.28 -0.39 -15.41
N ALA A 63 4.28 0.92 -15.63
CA ALA A 63 5.13 1.48 -16.68
C ALA A 63 6.61 1.26 -16.38
N TRP A 64 7.01 1.49 -15.12
CA TRP A 64 8.41 1.32 -14.76
C TRP A 64 8.88 -0.11 -15.00
N ARG A 65 8.04 -1.09 -14.65
CA ARG A 65 8.43 -2.48 -14.87
C ARG A 65 8.56 -2.79 -16.36
N VAL A 66 7.65 -2.26 -17.17
CA VAL A 66 7.77 -2.45 -18.61
C VAL A 66 9.07 -1.85 -19.12
N LEU A 67 9.33 -0.58 -18.78
CA LEU A 67 10.51 0.09 -19.31
C LEU A 67 11.78 -0.52 -18.74
N SER A 68 11.80 -0.83 -17.44
CA SER A 68 12.96 -1.48 -16.84
C SER A 68 13.28 -2.79 -17.55
N SER A 69 12.24 -3.55 -17.92
CA SER A 69 12.46 -4.83 -18.59
C SER A 69 13.05 -4.63 -19.98
N ILE A 70 12.54 -3.65 -20.73
CA ILE A 70 13.11 -3.36 -22.05
C ILE A 70 14.53 -2.84 -21.90
N GLU A 71 14.78 -2.02 -20.87
CA GLU A 71 16.12 -1.50 -20.65
C GLU A 71 17.10 -2.63 -20.38
N GLN A 72 16.73 -3.56 -19.49
CA GLN A 72 17.62 -4.69 -19.18
C GLN A 72 17.83 -5.57 -20.41
N LYS A 73 16.79 -5.72 -21.25
CA LYS A 73 16.96 -6.50 -22.48
C LYS A 73 17.93 -5.80 -23.44
N SER A 74 17.89 -4.48 -23.50
CA SER A 74 18.82 -3.77 -24.37
C SER A 74 20.24 -3.81 -23.80
N ASN A 75 20.37 -3.97 -22.49
CA ASN A 75 21.67 -4.00 -21.83
C ASN A 75 22.28 -5.39 -21.83
N GLU A 76 21.53 -6.39 -22.25
CA GLU A 76 22.05 -7.76 -22.26
C GLU A 76 23.00 -7.91 -23.45
N GLU A 77 24.21 -8.41 -23.18
CA GLU A 77 25.12 -8.89 -24.26
C GLU A 77 25.12 -7.84 -25.39
N LYS A 82 22.44 0.59 -27.10
CA LYS A 82 22.19 1.03 -28.47
C LYS A 82 20.99 1.98 -28.49
N GLY A 83 21.27 3.28 -28.28
CA GLY A 83 20.23 4.27 -28.14
C GLY A 83 19.94 4.53 -26.67
N PRO A 84 20.03 5.78 -26.24
CA PRO A 84 19.79 6.09 -24.82
C PRO A 84 18.32 6.16 -24.44
N GLU A 85 17.41 5.90 -25.37
CA GLU A 85 16.03 6.36 -25.19
C GLU A 85 15.35 5.65 -24.03
N VAL A 86 15.49 4.31 -23.97
CA VAL A 86 14.80 3.57 -22.92
C VAL A 86 15.32 3.97 -21.56
N ARG A 87 16.64 4.14 -21.44
CA ARG A 87 17.19 4.55 -20.15
C ARG A 87 16.68 5.94 -19.78
N GLU A 88 16.72 6.86 -20.74
CA GLU A 88 16.28 8.23 -20.45
C GLU A 88 14.82 8.25 -20.00
N TYR A 89 13.97 7.46 -20.65
CA TYR A 89 12.54 7.52 -20.36
C TYR A 89 12.22 6.76 -19.07
N ARG A 90 12.86 5.60 -18.86
CA ARG A 90 12.73 4.91 -17.58
C ARG A 90 13.15 5.80 -16.42
N GLU A 91 14.26 6.55 -16.57
CA GLU A 91 14.67 7.44 -15.49
C GLU A 91 13.61 8.50 -15.22
N LYS A 92 12.98 9.01 -16.27
CA LYS A 92 11.93 10.01 -16.10
C LYS A 92 10.74 9.46 -15.32
N VAL A 93 10.26 8.27 -15.72
CA VAL A 93 9.13 7.68 -15.03
C VAL A 93 9.49 7.39 -13.58
N GLU A 94 10.73 6.94 -13.37
CA GLU A 94 11.20 6.63 -12.02
C GLU A 94 11.17 7.87 -11.14
N THR A 95 11.70 8.99 -11.63
CA THR A 95 11.68 10.22 -10.84
C THR A 95 10.26 10.67 -10.55
N GLU A 96 9.35 10.48 -11.51
CA GLU A 96 7.96 10.85 -11.29
C GLU A 96 7.31 9.95 -10.24
N LEU A 97 7.60 8.64 -10.29
CA LEU A 97 7.10 7.72 -9.28
C LEU A 97 7.61 8.10 -7.90
N GLN A 98 8.90 8.40 -7.80
CA GLN A 98 9.46 8.80 -6.52
C GLN A 98 8.77 10.05 -5.98
N GLY A 99 8.40 10.97 -6.89
CA GLY A 99 7.73 12.20 -6.46
C GLY A 99 6.34 11.95 -5.91
N VAL A 100 5.59 11.03 -6.52
CA VAL A 100 4.26 10.71 -6.00
C VAL A 100 4.38 10.00 -4.67
N CYS A 101 5.33 9.07 -4.54
CA CYS A 101 5.52 8.39 -3.27
C CYS A 101 5.94 9.37 -2.18
N ASP A 102 6.84 10.29 -2.53
CA ASP A 102 7.24 11.33 -1.58
C ASP A 102 6.04 12.15 -1.14
N THR A 103 5.13 12.44 -2.06
CA THR A 103 3.94 13.23 -1.71
C THR A 103 3.05 12.49 -0.74
N VAL A 104 2.77 11.22 -1.00
CA VAL A 104 1.92 10.43 -0.11
C VAL A 104 2.58 10.32 1.26
N LEU A 105 3.89 10.05 1.27
CA LEU A 105 4.60 9.90 2.54
C LEU A 105 4.60 11.21 3.32
N GLY A 106 4.70 12.34 2.61
CA GLY A 106 4.63 13.62 3.27
C GLY A 106 3.26 13.88 3.87
N LEU A 107 2.20 13.52 3.15
CA LEU A 107 0.86 13.65 3.71
C LEU A 107 0.68 12.78 4.95
N LEU A 108 1.18 11.55 4.90
CA LEU A 108 1.05 10.64 6.03
C LEU A 108 1.74 11.21 7.26
N ASP A 109 2.97 11.70 7.09
CA ASP A 109 3.75 12.18 8.23
C ASP A 109 3.25 13.53 8.72
N SER A 110 2.83 14.42 7.81
CA SER A 110 2.45 15.75 8.24
C SER A 110 1.03 15.81 8.78
N HIS A 111 0.13 14.97 8.30
CA HIS A 111 -1.27 15.18 8.61
C HIS A 111 -2.02 13.97 9.16
N LEU A 112 -1.61 12.76 8.79
CA LEU A 112 -2.47 11.59 9.00
C LEU A 112 -2.02 10.68 10.12
N ILE A 113 -0.71 10.44 10.27
CA ILE A 113 -0.24 9.51 11.28
C ILE A 113 -0.20 10.21 12.63
N LYS A 114 -0.90 9.64 13.61
CA LYS A 114 -0.99 10.19 14.95
C LYS A 114 -1.01 9.04 15.95
N GLU A 115 -0.49 9.29 17.14
CA GLU A 115 -0.60 8.30 18.20
C GLU A 115 -2.00 8.18 18.75
N ALA A 116 -2.89 9.13 18.44
CA ALA A 116 -4.13 9.28 19.16
C ALA A 116 -5.30 8.47 18.61
N GLY A 117 -5.27 8.10 17.34
CA GLY A 117 -6.48 7.60 16.71
C GLY A 117 -6.93 6.24 17.21
N ASP A 118 -8.07 5.82 16.68
CA ASP A 118 -8.52 4.44 16.82
C ASP A 118 -7.58 3.51 16.06
N ALA A 119 -7.59 2.23 16.46
CA ALA A 119 -6.62 1.28 15.94
C ALA A 119 -6.72 1.15 14.43
N GLU A 120 -7.94 1.08 13.90
CA GLU A 120 -8.10 0.84 12.47
C GLU A 120 -7.44 1.95 11.65
N SER A 121 -7.67 3.20 12.03
CA SER A 121 -7.04 4.29 11.28
C SER A 121 -5.53 4.30 11.46
N ARG A 122 -5.05 4.08 12.69
CA ARG A 122 -3.61 4.07 12.93
C ARG A 122 -2.92 2.99 12.08
N VAL A 123 -3.51 1.79 12.06
CA VAL A 123 -2.92 0.70 11.28
C VAL A 123 -3.02 1.01 9.80
N PHE A 124 -4.16 1.57 9.36
CA PHE A 124 -4.35 1.90 7.96
C PHE A 124 -3.22 2.79 7.45
N TYR A 125 -2.94 3.88 8.17
CA TYR A 125 -1.95 4.83 7.70
C TYR A 125 -0.52 4.29 7.81
N LEU A 126 -0.21 3.57 8.88
CA LEU A 126 1.14 2.99 8.98
C LEU A 126 1.34 1.91 7.92
N LYS A 127 0.30 1.13 7.62
CA LYS A 127 0.40 0.20 6.51
C LYS A 127 0.70 0.94 5.21
N MET A 128 -0.03 2.03 4.96
CA MET A 128 0.19 2.84 3.76
C MET A 128 1.61 3.37 3.72
N LYS A 129 2.13 3.82 4.87
CA LYS A 129 3.52 4.26 4.93
C LYS A 129 4.47 3.15 4.50
N GLY A 130 4.28 1.94 5.04
CA GLY A 130 5.10 0.83 4.61
C GLY A 130 4.97 0.54 3.13
N ASP A 131 3.73 0.59 2.61
CA ASP A 131 3.49 0.30 1.20
C ASP A 131 4.27 1.27 0.30
N TYR A 132 4.22 2.56 0.61
CA TYR A 132 4.83 3.51 -0.31
C TYR A 132 6.34 3.60 -0.14
N TYR A 133 6.87 3.30 1.04
CA TYR A 133 8.31 3.04 1.11
C TYR A 133 8.67 1.79 0.30
N ARG A 134 7.82 0.78 0.34
CA ARG A 134 8.09 -0.41 -0.46
C ARG A 134 8.14 -0.06 -1.95
N TYR A 135 7.22 0.78 -2.42
CA TYR A 135 7.26 1.13 -3.84
C TYR A 135 8.53 1.91 -4.17
N LEU A 136 8.98 2.79 -3.25
CA LEU A 136 10.28 3.43 -3.44
C LEU A 136 11.40 2.40 -3.49
N ALA A 137 11.34 1.40 -2.61
CA ALA A 137 12.38 0.37 -2.58
C ALA A 137 12.43 -0.42 -3.89
N GLU A 138 11.29 -0.59 -4.56
CA GLU A 138 11.28 -1.37 -5.78
C GLU A 138 12.19 -0.77 -6.84
N VAL A 139 12.38 0.55 -6.83
CA VAL A 139 13.14 1.24 -7.85
C VAL A 139 14.50 1.73 -7.35
N ALA A 140 14.79 1.64 -6.05
CA ALA A 140 16.06 2.06 -5.50
C ALA A 140 17.11 0.98 -5.70
N THR A 141 18.40 1.37 -5.56
CA THR A 141 19.41 0.34 -5.81
C THR A 141 20.51 0.02 -4.80
N GLY A 142 21.00 1.02 -4.08
CA GLY A 142 22.20 0.81 -3.29
C GLY A 142 22.03 0.83 -1.78
N ASP A 143 22.82 1.68 -1.13
CA ASP A 143 22.55 2.01 0.27
C ASP A 143 21.28 2.83 0.43
N ASP A 144 20.90 3.57 -0.61
CA ASP A 144 19.57 4.16 -0.60
C ASP A 144 18.48 3.10 -0.39
N LYS A 145 18.57 2.02 -1.16
CA LYS A 145 17.60 0.95 -1.07
C LYS A 145 17.60 0.35 0.32
N LYS A 146 18.79 0.14 0.90
CA LYS A 146 18.88 -0.44 2.23
C LYS A 146 18.19 0.45 3.25
N ARG A 147 18.35 1.77 3.13
CA ARG A 147 17.73 2.67 4.09
C ARG A 147 16.22 2.75 3.87
N ILE A 148 15.77 2.72 2.62
CA ILE A 148 14.34 2.70 2.35
C ILE A 148 13.73 1.43 2.90
N ILE A 149 14.44 0.30 2.77
CA ILE A 149 13.95 -0.97 3.29
C ILE A 149 13.78 -0.89 4.80
N ASP A 150 14.76 -0.31 5.50
CA ASP A 150 14.62 -0.11 6.94
C ASP A 150 13.36 0.70 7.27
N SER A 151 13.10 1.75 6.47
CA SER A 151 11.95 2.61 6.76
C SER A 151 10.63 1.88 6.56
N ALA A 152 10.54 1.06 5.52
CA ALA A 152 9.32 0.29 5.30
C ALA A 152 9.10 -0.73 6.41
N ARG A 153 10.14 -1.49 6.76
CA ARG A 153 10.01 -2.45 7.84
C ARG A 153 9.56 -1.78 9.13
N SER A 154 10.12 -0.62 9.45
CA SER A 154 9.73 0.08 10.66
C SER A 154 8.25 0.40 10.64
N ALA A 155 7.76 1.01 9.56
CA ALA A 155 6.33 1.33 9.46
C ALA A 155 5.46 0.08 9.55
N TYR A 156 5.80 -0.96 8.77
CA TYR A 156 5.01 -2.18 8.80
C TYR A 156 4.99 -2.79 10.20
N GLN A 157 6.14 -2.81 10.87
CA GLN A 157 6.22 -3.47 12.17
C GLN A 157 5.44 -2.68 13.21
N GLU A 158 5.47 -1.35 13.13
N GLU A 158 5.50 -1.34 13.16
CA GLU A 158 4.67 -0.57 14.07
CA GLU A 158 4.67 -0.55 14.06
C GLU A 158 3.18 -0.82 13.87
C GLU A 158 3.20 -0.89 13.87
N ALA A 159 2.76 -0.95 12.61
CA ALA A 159 1.37 -1.27 12.33
C ALA A 159 1.04 -2.68 12.81
N MET A 160 1.97 -3.62 12.62
CA MET A 160 1.74 -4.99 13.09
C MET A 160 1.58 -5.03 14.60
N ASP A 161 2.38 -4.26 15.34
CA ASP A 161 2.28 -4.26 16.79
C ASP A 161 0.89 -3.82 17.23
N ILE A 162 0.38 -2.75 16.63
CA ILE A 162 -0.95 -2.26 16.97
C ILE A 162 -2.01 -3.29 16.62
N SER A 163 -1.92 -3.88 15.42
CA SER A 163 -2.97 -4.77 14.96
C SER A 163 -3.04 -6.04 15.82
N LYS A 164 -1.90 -6.52 16.30
CA LYS A 164 -1.88 -7.72 17.13
C LYS A 164 -2.36 -7.43 18.55
N LYS A 165 -2.27 -6.18 18.99
CA LYS A 165 -2.71 -5.77 20.32
C LYS A 165 -4.18 -5.41 20.35
N GLU A 166 -4.71 -4.83 19.26
CA GLU A 166 -6.01 -4.18 19.28
C GLU A 166 -7.03 -4.74 18.29
N MET A 167 -6.65 -5.62 17.37
CA MET A 167 -7.61 -6.15 16.41
C MET A 167 -7.64 -7.67 16.46
N PRO A 168 -8.79 -8.28 16.15
CA PRO A 168 -8.86 -9.74 16.07
C PRO A 168 -8.14 -10.25 14.83
N PRO A 169 -7.73 -11.51 14.82
CA PRO A 169 -6.90 -12.01 13.71
C PRO A 169 -7.59 -12.01 12.36
N THR A 170 -8.92 -11.87 12.31
CA THR A 170 -9.68 -11.86 11.06
C THR A 170 -9.92 -10.45 10.54
N ASN A 171 -9.53 -9.43 11.29
CA ASN A 171 -9.81 -8.06 10.88
C ASN A 171 -9.22 -7.81 9.50
N PRO A 172 -9.99 -7.28 8.54
CA PRO A 172 -9.47 -7.16 7.17
C PRO A 172 -8.27 -6.23 7.04
N ILE A 173 -8.21 -5.16 7.84
CA ILE A 173 -7.05 -4.28 7.78
C ILE A 173 -5.81 -5.01 8.27
N ARG A 174 -5.96 -5.76 9.37
CA ARG A 174 -4.85 -6.56 9.89
C ARG A 174 -4.39 -7.59 8.87
N LEU A 175 -5.34 -8.24 8.20
CA LEU A 175 -4.99 -9.26 7.22
C LEU A 175 -4.26 -8.66 6.03
N GLY A 176 -4.73 -7.52 5.53
CA GLY A 176 -4.07 -6.86 4.41
C GLY A 176 -2.68 -6.38 4.75
N LEU A 177 -2.49 -5.88 5.98
CA LEU A 177 -1.17 -5.52 6.44
C LEU A 177 -0.23 -6.72 6.42
N ALA A 178 -0.68 -7.84 7.00
CA ALA A 178 0.16 -9.03 7.05
C ALA A 178 0.48 -9.53 5.65
N LEU A 179 -0.49 -9.50 4.74
CA LEU A 179 -0.25 -9.88 3.36
C LEU A 179 0.88 -9.06 2.76
N ASN A 180 0.79 -7.73 2.88
CA ASN A 180 1.77 -6.86 2.25
C ASN A 180 3.13 -6.94 2.93
N PHE A 181 3.15 -7.04 4.26
CA PHE A 181 4.42 -7.15 4.97
C PHE A 181 5.11 -8.47 4.60
N SER A 182 4.34 -9.54 4.36
CA SER A 182 4.93 -10.80 3.93
C SER A 182 5.53 -10.67 2.52
N VAL A 183 4.82 -9.98 1.62
CA VAL A 183 5.37 -9.72 0.29
C VAL A 183 6.67 -8.92 0.40
N PHE A 184 6.67 -7.91 1.26
CA PHE A 184 7.89 -7.15 1.53
C PHE A 184 9.03 -8.10 1.90
N HIS A 185 8.80 -9.02 2.84
CA HIS A 185 9.84 -9.96 3.22
C HIS A 185 10.34 -10.72 2.00
N TYR A 186 9.41 -11.24 1.19
CA TYR A 186 9.79 -12.14 0.11
C TYR A 186 10.53 -11.39 -1.00
N GLU A 187 9.90 -10.32 -1.51
CA GLU A 187 10.31 -9.70 -2.77
C GLU A 187 11.27 -8.54 -2.56
N ILE A 188 11.28 -7.94 -1.38
CA ILE A 188 12.07 -6.73 -1.10
C ILE A 188 13.24 -7.04 -0.18
N ALA A 189 12.97 -7.61 1.00
CA ALA A 189 13.99 -7.84 2.01
C ALA A 189 14.74 -9.15 1.81
N ASN A 190 14.39 -9.91 0.78
CA ASN A 190 15.06 -11.19 0.49
C ASN A 190 15.06 -12.11 1.71
N SER A 191 13.91 -12.21 2.38
N SER A 191 13.90 -12.21 2.37
CA SER A 191 13.72 -13.04 3.57
CA SER A 191 13.72 -13.03 3.56
C SER A 191 12.56 -13.99 3.30
C SER A 191 12.55 -13.97 3.30
N PRO A 192 12.75 -14.96 2.41
CA PRO A 192 11.60 -15.81 2.01
C PRO A 192 11.05 -16.68 3.13
N GLU A 193 11.90 -17.16 4.05
CA GLU A 193 11.37 -17.97 5.15
C GLU A 193 10.50 -17.15 6.08
N GLU A 194 10.87 -15.89 6.30
CA GLU A 194 10.06 -15.00 7.13
C GLU A 194 8.74 -14.67 6.44
N ALA A 195 8.78 -14.50 5.11
CA ALA A 195 7.54 -14.23 4.37
C ALA A 195 6.57 -15.39 4.48
N ILE A 196 7.07 -16.62 4.32
CA ILE A 196 6.20 -17.79 4.39
C ILE A 196 5.64 -17.94 5.80
N SER A 197 6.49 -17.75 6.80
CA SER A 197 6.07 -17.90 8.19
C SER A 197 4.94 -16.92 8.52
N LEU A 198 5.13 -15.64 8.18
CA LEU A 198 4.11 -14.64 8.45
C LEU A 198 2.81 -14.96 7.74
N ALA A 199 2.88 -15.31 6.44
CA ALA A 199 1.66 -15.58 5.69
C ALA A 199 0.92 -16.79 6.26
N LYS A 200 1.66 -17.84 6.59
CA LYS A 200 1.03 -19.05 7.11
C LYS A 200 0.41 -18.80 8.47
N THR A 201 1.14 -18.14 9.37
CA THR A 201 0.61 -17.82 10.69
C THR A 201 -0.64 -16.96 10.58
N THR A 202 -0.59 -15.94 9.72
CA THR A 202 -1.76 -15.08 9.54
C THR A 202 -2.96 -15.87 9.07
N PHE A 203 -2.77 -16.69 8.03
CA PHE A 203 -3.87 -17.50 7.50
C PHE A 203 -4.41 -18.44 8.58
N ASP A 204 -3.51 -19.15 9.25
CA ASP A 204 -3.93 -20.15 10.23
C ASP A 204 -4.70 -19.50 11.39
N GLU A 205 -4.20 -18.38 11.90
CA GLU A 205 -4.86 -17.75 13.03
C GLU A 205 -6.20 -17.12 12.64
N ALA A 206 -6.35 -16.69 11.38
CA ALA A 206 -7.64 -16.23 10.91
C ALA A 206 -8.57 -17.41 10.67
N MET A 207 -8.06 -18.51 10.11
CA MET A 207 -8.89 -19.69 9.88
C MET A 207 -9.54 -20.16 11.17
N ALA A 208 -8.80 -20.13 12.28
CA ALA A 208 -9.30 -20.59 13.57
C ALA A 208 -10.44 -19.73 14.10
N ASP A 209 -10.66 -18.54 13.56
CA ASP A 209 -11.69 -17.62 14.04
C ASP A 209 -12.80 -17.39 13.03
N LEU A 210 -12.72 -17.99 11.85
CA LEU A 210 -13.70 -17.70 10.82
C LEU A 210 -15.13 -18.04 11.26
N HIS A 211 -15.28 -19.05 12.10
CA HIS A 211 -16.60 -19.48 12.55
C HIS A 211 -17.31 -18.43 13.41
N THR A 212 -16.58 -17.41 13.86
CA THR A 212 -17.17 -16.38 14.72
C THR A 212 -17.75 -15.20 13.94
N LEU A 213 -17.61 -15.18 12.63
CA LEU A 213 -17.90 -13.97 11.88
C LEU A 213 -19.30 -13.97 11.31
N SER A 214 -19.88 -12.77 11.23
CA SER A 214 -21.09 -12.55 10.46
C SER A 214 -20.82 -12.78 8.98
N GLU A 215 -21.90 -12.78 8.19
CA GLU A 215 -21.79 -13.09 6.77
C GLU A 215 -20.96 -12.04 6.04
N ASP A 216 -21.18 -10.76 6.37
CA ASP A 216 -20.43 -9.70 5.70
C ASP A 216 -18.96 -9.74 6.09
N SER A 217 -18.66 -9.86 7.40
CA SER A 217 -17.29 -10.00 7.86
C SER A 217 -16.63 -11.22 7.22
N TYR A 218 -17.35 -12.32 7.16
CA TYR A 218 -16.81 -13.55 6.57
C TYR A 218 -16.35 -13.30 5.14
N LYS A 219 -17.17 -12.57 4.37
CA LYS A 219 -16.80 -12.28 2.98
C LYS A 219 -15.55 -11.41 2.92
N ASP A 220 -15.46 -10.39 3.77
CA ASP A 220 -14.31 -9.50 3.72
C ASP A 220 -13.03 -10.24 4.09
N SER A 221 -13.09 -11.10 5.11
CA SER A 221 -11.89 -11.77 5.60
C SER A 221 -11.41 -12.87 4.66
N THR A 222 -12.34 -13.69 4.14
CA THR A 222 -11.92 -14.79 3.29
C THR A 222 -11.35 -14.30 1.97
N LEU A 223 -11.76 -13.12 1.52
CA LEU A 223 -11.18 -12.56 0.30
C LEU A 223 -9.68 -12.37 0.45
N ILE A 224 -9.25 -11.76 1.56
CA ILE A 224 -7.82 -11.54 1.75
C ILE A 224 -7.12 -12.85 2.11
N MET A 225 -7.81 -13.76 2.80
CA MET A 225 -7.19 -15.04 3.11
C MET A 225 -6.88 -15.83 1.85
N GLN A 226 -7.74 -15.75 0.82
CA GLN A 226 -7.43 -16.40 -0.45
C GLN A 226 -6.14 -15.85 -1.06
N LEU A 227 -5.92 -14.54 -0.90
CA LEU A 227 -4.68 -13.94 -1.39
C LEU A 227 -3.48 -14.47 -0.63
N LEU A 228 -3.58 -14.55 0.69
CA LEU A 228 -2.51 -15.15 1.48
C LEU A 228 -2.26 -16.59 1.03
N ARG A 229 -3.33 -17.37 0.85
CA ARG A 229 -3.17 -18.76 0.43
C ARG A 229 -2.50 -18.84 -0.95
N ASP A 230 -2.91 -17.99 -1.89
N ASP A 230 -2.97 -17.99 -1.88
CA ASP A 230 -2.30 -18.09 -3.22
CA ASP A 230 -2.40 -17.91 -3.22
C ASP A 230 -0.84 -17.67 -3.17
C ASP A 230 -0.89 -17.66 -3.16
N ASN A 231 -0.49 -16.68 -2.34
CA ASN A 231 0.92 -16.33 -2.22
C ASN A 231 1.72 -17.48 -1.65
N LEU A 232 1.18 -18.15 -0.63
CA LEU A 232 1.87 -19.30 -0.06
C LEU A 232 2.06 -20.39 -1.11
N THR A 233 1.02 -20.68 -1.90
CA THR A 233 1.16 -21.63 -3.00
C THR A 233 2.28 -21.19 -3.94
N LEU A 234 2.34 -19.90 -4.24
CA LEU A 234 3.36 -19.37 -5.13
C LEU A 234 4.76 -19.59 -4.57
N TRP A 235 4.92 -19.48 -3.25
CA TRP A 235 6.24 -19.44 -2.65
C TRP A 235 6.76 -20.79 -2.16
N THR A 236 5.90 -21.79 -2.07
CA THR A 236 6.28 -23.07 -1.48
C THR A 236 6.23 -24.20 -2.51
N ARG B 1 8.14 -15.70 -13.51
CA ARG B 1 7.27 -15.98 -12.38
C ARG B 1 6.20 -14.90 -12.27
N ARG B 2 5.00 -15.24 -11.81
CA ARG B 2 4.03 -14.20 -11.54
C ARG B 2 4.35 -13.51 -10.21
N ARG B 3 3.78 -12.31 -10.03
CA ARG B 3 4.03 -11.56 -8.81
C ARG B 3 3.02 -11.92 -7.72
N ALA B 4 3.48 -11.86 -6.48
CA ALA B 4 2.60 -12.09 -5.34
C ALA B 4 1.54 -10.99 -5.23
N HIS B 5 0.42 -11.35 -4.60
CA HIS B 5 -0.67 -10.42 -4.39
C HIS B 5 -0.33 -9.41 -3.28
N PHE B 7 -2.53 -6.01 -1.21
CA PHE B 7 -3.91 -5.58 -1.02
C PHE B 7 -3.96 -4.24 -0.28
N SER B 8 -4.77 -3.31 -0.77
CA SER B 8 -4.99 -2.05 -0.06
C SER B 8 -6.46 -1.72 0.18
N HIS B 9 -7.38 -2.30 -0.57
CA HIS B 9 -8.81 -2.09 -0.42
C HIS B 9 -9.57 -2.99 -1.38
N PRO B 10 -10.82 -3.36 -1.08
CA PRO B 10 -11.51 -4.34 -1.92
C PRO B 10 -11.89 -3.74 -3.26
N PRO B 11 -11.97 -4.57 -4.32
CA PRO B 11 -12.33 -4.04 -5.65
C PRO B 11 -13.75 -3.47 -5.69
#